data_3OE3
#
_entry.id   3OE3
#
_cell.length_a   192.383
_cell.length_b   34.685
_cell.length_c   74.910
_cell.angle_alpha   90.000
_cell.angle_beta   98.410
_cell.angle_gamma   90.000
#
_symmetry.space_group_name_H-M   'C 1 2 1'
#
loop_
_entity.id
_entity.type
_entity.pdbx_description
1 polymer 'Putative periplasmic protein'
2 non-polymer 'SODIUM ION'
3 water water
#
_entity_poly.entity_id   1
_entity_poly.type   'polypeptide(L)'
_entity_poly.pdbx_seq_one_letter_code
;ASQEISKSIYTCNDNQV(MSE)EVIYVNTEAGNAYAIISQVNE(MSE)IP(MSE)RL(MSE)K(MSE)ASGANYEAIDKN
YTYKLYTKGKTAELVEGDDKPVLSNCSLANLEHHHHHH
;
_entity_poly.pdbx_strand_id   A,B,C,D,E,F
#
loop_
_chem_comp.id
_chem_comp.type
_chem_comp.name
_chem_comp.formula
NA non-polymer 'SODIUM ION' 'Na 1'
#
# COMPACT_ATOMS: atom_id res chain seq x y z
N GLN A 3 3.82 -35.29 -6.05
CA GLN A 3 3.12 -34.31 -5.23
C GLN A 3 4.12 -33.45 -4.48
N GLU A 4 4.76 -32.54 -5.19
CA GLU A 4 5.93 -31.85 -4.65
C GLU A 4 5.64 -30.47 -4.10
N ILE A 5 4.38 -30.06 -4.09
CA ILE A 5 4.03 -28.71 -3.67
C ILE A 5 2.95 -28.74 -2.60
N SER A 6 3.05 -27.84 -1.62
CA SER A 6 2.07 -27.78 -0.54
C SER A 6 1.90 -26.35 -0.02
N LYS A 7 0.80 -26.10 0.70
CA LYS A 7 0.52 -24.76 1.20
C LYS A 7 0.37 -24.73 2.72
N SER A 8 1.04 -23.76 3.36
CA SER A 8 0.93 -23.56 4.80
C SER A 8 0.42 -22.16 5.08
N ILE A 9 -0.36 -22.01 6.14
CA ILE A 9 -0.86 -20.72 6.58
C ILE A 9 -0.42 -20.48 8.02
N TYR A 10 0.06 -19.28 8.30
CA TYR A 10 0.56 -18.94 9.64
C TYR A 10 -0.14 -17.70 10.15
N THR A 11 -0.34 -17.64 11.47
CA THR A 11 -0.79 -16.39 12.08
C THR A 11 0.42 -15.74 12.71
N CYS A 12 0.53 -14.43 12.56
CA CYS A 12 1.72 -13.72 13.00
C CYS A 12 1.37 -12.54 13.89
N ASN A 13 2.39 -11.96 14.51
CA ASN A 13 2.19 -10.83 15.41
C ASN A 13 1.45 -9.67 14.73
N ASP A 14 0.80 -8.85 15.54
CA ASP A 14 0.12 -7.67 15.03
C ASP A 14 -1.07 -8.04 14.14
N ASN A 15 -1.69 -9.19 14.42
CA ASN A 15 -2.92 -9.56 13.74
C ASN A 15 -2.73 -9.68 12.25
N GLN A 16 -1.76 -10.50 11.84
CA GLN A 16 -1.50 -10.69 10.43
C GLN A 16 -1.49 -12.17 10.07
N VAL A 17 -1.61 -12.46 8.78
CA VAL A 17 -1.56 -13.83 8.28
C VAL A 17 -0.45 -13.89 7.24
N MSE A 18 0.32 -14.97 7.26
CA MSE A 18 1.34 -15.23 6.25
C MSE A 18 1.11 -16.58 5.61
O MSE A 18 1.13 -17.61 6.29
CB MSE A 18 2.74 -15.21 6.86
CG MSE A 18 3.86 -15.53 5.85
SE MSE A 18 5.67 -15.45 6.59
CE MSE A 18 5.56 -17.05 7.72
N GLU A 19 0.94 -16.62 4.29
CA GLU A 19 0.91 -17.89 3.59
C GLU A 19 2.29 -18.24 3.05
N VAL A 20 2.61 -19.52 3.01
CA VAL A 20 3.84 -19.97 2.37
C VAL A 20 3.55 -21.18 1.50
N ILE A 21 4.00 -21.15 0.24
CA ILE A 21 3.95 -22.35 -0.57
C ILE A 21 5.30 -23.02 -0.50
N TYR A 22 5.32 -24.27 -0.10
CA TYR A 22 6.57 -25.01 0.00
C TYR A 22 6.66 -25.96 -1.17
N VAL A 23 7.86 -26.10 -1.72
CA VAL A 23 8.11 -27.04 -2.80
C VAL A 23 9.23 -27.95 -2.32
N ASN A 24 9.05 -29.25 -2.49
CA ASN A 24 10.11 -30.17 -2.15
C ASN A 24 10.23 -31.16 -3.29
N THR A 25 11.31 -31.08 -4.07
CA THR A 25 11.37 -31.93 -5.24
C THR A 25 11.87 -33.32 -4.87
N GLU A 26 11.57 -34.28 -5.73
CA GLU A 26 12.01 -35.66 -5.51
C GLU A 26 13.53 -35.79 -5.53
N ALA A 27 14.22 -34.80 -6.07
CA ALA A 27 15.68 -34.81 -6.09
C ALA A 27 16.31 -34.11 -4.89
N GLY A 28 15.46 -33.57 -4.01
CA GLY A 28 15.92 -33.07 -2.72
C GLY A 28 16.09 -31.56 -2.63
N ASN A 29 15.56 -30.84 -3.62
CA ASN A 29 15.65 -29.39 -3.63
C ASN A 29 14.41 -28.80 -2.99
N ALA A 30 14.62 -27.89 -2.06
CA ALA A 30 13.51 -27.31 -1.30
C ALA A 30 13.40 -25.83 -1.57
N TYR A 31 12.15 -25.37 -1.75
CA TYR A 31 11.89 -23.97 -2.05
C TYR A 31 10.71 -23.48 -1.21
N ALA A 32 10.56 -22.16 -1.12
CA ALA A 32 9.38 -21.61 -0.49
C ALA A 32 9.01 -20.38 -1.30
N ILE A 33 7.70 -20.10 -1.38
CA ILE A 33 7.24 -18.88 -2.04
C ILE A 33 6.34 -18.11 -1.10
N ILE A 34 6.66 -16.81 -0.92
CA ILE A 34 5.81 -15.95 -0.12
C ILE A 34 5.23 -14.87 -0.98
N SER A 35 4.30 -14.10 -0.43
CA SER A 35 3.72 -12.99 -1.16
C SER A 35 3.85 -11.75 -0.30
N GLN A 36 4.57 -10.76 -0.81
CA GLN A 36 4.80 -9.51 -0.11
C GLN A 36 4.62 -8.34 -1.06
N VAL A 37 3.86 -7.34 -0.61
CA VAL A 37 3.60 -6.15 -1.42
C VAL A 37 3.05 -6.53 -2.79
N ASN A 38 2.12 -7.48 -2.81
CA ASN A 38 1.47 -7.91 -4.05
C ASN A 38 2.39 -8.56 -5.08
N GLU A 39 3.50 -9.12 -4.62
CA GLU A 39 4.42 -9.85 -5.50
C GLU A 39 4.75 -11.19 -4.88
N MSE A 40 4.86 -12.23 -5.70
CA MSE A 40 5.30 -13.54 -5.20
C MSE A 40 6.81 -13.60 -5.32
O MSE A 40 7.39 -13.20 -6.32
CB MSE A 40 4.61 -14.67 -5.98
CG MSE A 40 3.09 -14.78 -5.69
SE MSE A 40 2.31 -16.33 -6.59
CE MSE A 40 2.16 -15.57 -8.35
N ILE A 41 7.45 -14.06 -4.24
CA ILE A 41 8.89 -14.07 -4.10
C ILE A 41 9.35 -15.52 -3.89
N PRO A 42 9.98 -16.11 -4.91
CA PRO A 42 10.51 -17.46 -4.73
C PRO A 42 11.76 -17.44 -3.88
N MSE A 43 11.91 -18.45 -3.02
CA MSE A 43 13.02 -18.54 -2.09
C MSE A 43 13.58 -19.94 -2.13
O MSE A 43 12.87 -20.89 -2.44
CB MSE A 43 12.54 -18.21 -0.67
CG MSE A 43 11.80 -16.91 -0.57
SE MSE A 43 11.13 -16.71 1.25
CE MSE A 43 12.52 -15.56 1.85
N ARG A 44 14.85 -20.06 -1.80
CA ARG A 44 15.54 -21.34 -1.80
C ARG A 44 16.00 -21.69 -0.39
N LEU A 45 15.97 -22.98 -0.05
CA LEU A 45 16.50 -23.43 1.24
C LEU A 45 17.99 -23.08 1.34
N MSE A 46 18.40 -22.46 2.44
CA MSE A 46 19.82 -22.10 2.61
C MSE A 46 20.46 -22.63 3.90
O MSE A 46 21.68 -22.71 4.01
CB MSE A 46 20.02 -20.59 2.50
CG MSE A 46 19.81 -20.03 1.10
SE MSE A 46 21.03 -20.79 -0.22
CE MSE A 46 22.73 -20.18 0.53
N LYS A 47 19.64 -22.95 4.89
CA LYS A 47 20.15 -23.45 6.16
C LYS A 47 19.19 -24.49 6.72
N MSE A 48 19.75 -25.47 7.42
CA MSE A 48 18.94 -26.55 7.98
C MSE A 48 19.59 -27.16 9.23
O MSE A 48 19.14 -26.91 10.35
CB MSE A 48 18.71 -27.62 6.92
CG MSE A 48 18.03 -28.88 7.43
SE MSE A 48 17.16 -29.82 5.98
CE MSE A 48 15.72 -28.55 5.63
N GLY A 51 16.37 -25.75 12.21
CA GLY A 51 15.13 -25.78 11.45
C GLY A 51 15.37 -25.73 9.95
N ALA A 52 14.67 -24.82 9.27
CA ALA A 52 14.85 -24.62 7.84
C ALA A 52 14.70 -23.14 7.50
N ASN A 53 15.74 -22.57 6.90
CA ASN A 53 15.72 -21.15 6.55
C ASN A 53 15.83 -20.99 5.05
N TYR A 54 15.03 -20.09 4.49
CA TYR A 54 15.02 -19.85 3.07
C TYR A 54 15.38 -18.40 2.76
N GLU A 55 15.97 -18.17 1.59
CA GLU A 55 16.37 -16.83 1.17
C GLU A 55 15.86 -16.56 -0.24
N ALA A 56 15.50 -15.30 -0.53
CA ALA A 56 15.02 -14.94 -1.87
C ALA A 56 16.02 -15.34 -2.95
N ILE A 57 15.52 -15.95 -4.03
CA ILE A 57 16.34 -16.31 -5.18
C ILE A 57 16.78 -15.08 -5.98
N ASP A 58 15.87 -14.13 -6.16
CA ASP A 58 16.18 -12.86 -6.82
C ASP A 58 16.92 -11.99 -5.81
N LYS A 59 18.21 -11.74 -6.08
CA LYS A 59 19.06 -11.01 -5.15
C LYS A 59 18.64 -9.56 -4.93
N ASN A 60 17.73 -9.06 -5.76
CA ASN A 60 17.20 -7.71 -5.59
C ASN A 60 16.28 -7.65 -4.38
N TYR A 61 15.86 -8.82 -3.90
CA TYR A 61 15.07 -8.91 -2.69
C TYR A 61 15.94 -9.44 -1.56
N THR A 62 15.63 -9.03 -0.33
CA THR A 62 16.43 -9.45 0.82
C THR A 62 15.63 -10.21 1.86
N TYR A 63 14.44 -10.65 1.49
CA TYR A 63 13.61 -11.45 2.38
C TYR A 63 14.29 -12.74 2.79
N LYS A 64 14.16 -13.09 4.07
CA LYS A 64 14.62 -14.36 4.60
C LYS A 64 13.56 -14.94 5.52
N LEU A 65 13.26 -16.22 5.34
CA LEU A 65 12.25 -16.92 6.12
C LEU A 65 12.93 -17.94 7.01
N TYR A 66 12.82 -17.74 8.32
CA TYR A 66 13.36 -18.69 9.28
C TYR A 66 12.22 -19.52 9.86
N THR A 67 12.31 -20.84 9.74
CA THR A 67 11.29 -21.71 10.33
C THR A 67 11.87 -22.66 11.36
N LYS A 68 11.07 -23.01 12.35
CA LYS A 68 11.48 -24.00 13.36
C LYS A 68 10.24 -24.76 13.76
N GLY A 69 10.09 -25.97 13.23
CA GLY A 69 8.90 -26.76 13.48
C GLY A 69 7.67 -26.03 12.98
N LYS A 70 6.76 -25.69 13.89
CA LYS A 70 5.49 -25.08 13.53
C LYS A 70 5.53 -23.54 13.62
N THR A 71 6.71 -22.99 13.90
N THR A 71 6.70 -22.99 13.91
CA THR A 71 6.85 -21.54 14.03
CA THR A 71 6.84 -21.54 14.04
C THR A 71 7.68 -20.97 12.90
C THR A 71 7.72 -20.97 12.94
N ALA A 72 7.58 -19.67 12.70
CA ALA A 72 8.34 -19.02 11.66
C ALA A 72 8.52 -17.53 11.93
N GLU A 73 9.44 -16.93 11.20
CA GLU A 73 9.62 -15.49 11.25
C GLU A 73 10.17 -15.06 9.90
N LEU A 74 9.70 -13.91 9.42
CA LEU A 74 10.13 -13.38 8.14
C LEU A 74 10.85 -12.08 8.41
N VAL A 75 12.04 -11.92 7.83
CA VAL A 75 12.83 -10.70 7.99
C VAL A 75 13.25 -10.16 6.63
N GLU A 76 13.81 -8.96 6.65
CA GLU A 76 14.35 -8.36 5.44
C GLU A 76 15.58 -7.55 5.83
N GLY A 77 16.44 -7.25 4.87
CA GLY A 77 17.61 -6.44 5.15
C GLY A 77 18.48 -7.09 6.21
N ASP A 78 18.90 -6.28 7.19
CA ASP A 78 19.74 -6.78 8.27
C ASP A 78 18.90 -7.50 9.33
N ASP A 79 18.33 -8.64 8.96
CA ASP A 79 17.47 -9.38 9.87
C ASP A 79 16.47 -8.47 10.59
N LYS A 80 15.98 -7.44 9.90
CA LYS A 80 14.92 -6.61 10.44
C LYS A 80 13.59 -7.32 10.31
N PRO A 81 12.86 -7.47 11.42
CA PRO A 81 11.59 -8.22 11.41
C PRO A 81 10.55 -7.64 10.47
N VAL A 82 9.87 -8.51 9.72
CA VAL A 82 8.74 -8.12 8.91
C VAL A 82 7.49 -8.77 9.50
N LEU A 83 7.55 -10.08 9.71
CA LEU A 83 6.49 -10.82 10.37
C LEU A 83 7.13 -11.68 11.45
N SER A 84 6.64 -11.55 12.67
CA SER A 84 7.26 -12.17 13.83
C SER A 84 6.31 -13.11 14.55
N ASN A 85 6.87 -14.08 15.27
CA ASN A 85 6.08 -15.00 16.08
C ASN A 85 4.96 -15.67 15.30
N CYS A 86 5.31 -16.18 14.13
CA CYS A 86 4.33 -16.85 13.31
C CYS A 86 4.14 -18.27 13.78
N SER A 87 2.89 -18.74 13.79
CA SER A 87 2.60 -20.11 14.15
C SER A 87 1.65 -20.74 13.14
N LEU A 88 1.89 -22.00 12.81
CA LEU A 88 1.04 -22.70 11.85
C LEU A 88 -0.41 -22.66 12.29
N ALA A 89 -1.29 -22.36 11.34
CA ALA A 89 -2.73 -22.39 11.59
C ALA A 89 -3.33 -23.59 10.87
N GLN B 3 -23.29 -12.68 5.03
CA GLN B 3 -23.59 -11.25 4.99
C GLN B 3 -22.36 -10.45 5.44
N GLU B 4 -21.87 -9.58 4.58
CA GLU B 4 -20.60 -8.93 4.85
C GLU B 4 -20.78 -7.48 5.27
N ILE B 5 -22.02 -6.99 5.31
CA ILE B 5 -22.26 -5.60 5.72
C ILE B 5 -23.39 -5.54 6.74
N SER B 6 -23.24 -4.70 7.76
CA SER B 6 -24.24 -4.59 8.82
C SER B 6 -24.26 -3.19 9.42
N LYS B 7 -25.36 -2.83 10.06
CA LYS B 7 -25.54 -1.49 10.58
C LYS B 7 -25.65 -1.53 12.10
N SER B 8 -24.86 -0.68 12.76
CA SER B 8 -24.91 -0.51 14.21
C SER B 8 -25.39 0.90 14.52
N ILE B 9 -26.22 1.05 15.54
CA ILE B 9 -26.68 2.35 15.98
C ILE B 9 -26.17 2.55 17.41
N TYR B 10 -25.55 3.71 17.67
CA TYR B 10 -25.06 4.06 18.99
C TYR B 10 -25.76 5.31 19.51
N THR B 11 -25.96 5.37 20.82
CA THR B 11 -26.36 6.62 21.45
C THR B 11 -25.12 7.23 22.09
N CYS B 12 -24.96 8.54 21.96
CA CYS B 12 -23.76 9.22 22.46
C CYS B 12 -24.13 10.39 23.37
N ASN B 13 -23.12 10.94 24.02
CA ASN B 13 -23.29 12.10 24.88
C ASN B 13 -24.02 13.24 24.18
N ASP B 14 -24.69 14.07 24.97
CA ASP B 14 -25.33 15.28 24.48
C ASP B 14 -26.44 14.97 23.47
N ASN B 15 -27.14 13.87 23.71
CA ASN B 15 -28.37 13.58 22.98
C ASN B 15 -28.13 13.43 21.49
N GLN B 16 -27.12 12.64 21.13
CA GLN B 16 -26.79 12.40 19.74
C GLN B 16 -26.91 10.91 19.44
N VAL B 17 -27.12 10.59 18.16
CA VAL B 17 -27.11 9.21 17.69
C VAL B 17 -26.01 9.11 16.62
N MSE B 18 -25.23 8.04 16.67
CA MSE B 18 -24.21 7.75 15.64
C MSE B 18 -24.52 6.41 14.99
O MSE B 18 -24.57 5.38 15.67
CB MSE B 18 -22.79 7.71 16.23
CG MSE B 18 -21.72 7.41 15.18
SE MSE B 18 -19.89 7.48 15.88
CE MSE B 18 -20.04 5.90 17.01
N GLU B 19 -24.70 6.42 13.68
CA GLU B 19 -24.78 5.17 12.93
C GLU B 19 -23.40 4.78 12.40
N VAL B 20 -23.13 3.48 12.39
CA VAL B 20 -21.91 2.99 11.75
C VAL B 20 -22.26 1.77 10.92
N ILE B 21 -21.84 1.76 9.66
CA ILE B 21 -21.92 0.56 8.87
C ILE B 21 -20.59 -0.18 8.95
N TYR B 22 -20.65 -1.45 9.38
CA TYR B 22 -19.43 -2.23 9.45
C TYR B 22 -19.40 -3.23 8.31
N VAL B 23 -18.26 -3.27 7.64
CA VAL B 23 -18.05 -4.22 6.56
C VAL B 23 -16.98 -5.21 6.98
N ASN B 24 -17.26 -6.50 6.80
CA ASN B 24 -16.31 -7.54 7.10
C ASN B 24 -16.33 -8.51 5.94
N THR B 25 -15.36 -8.43 5.04
CA THR B 25 -15.41 -9.31 3.87
C THR B 25 -15.07 -10.75 4.25
N GLU B 26 -15.55 -11.68 3.44
CA GLU B 26 -15.33 -13.10 3.74
C GLU B 26 -13.84 -13.43 3.70
N ALA B 27 -13.03 -12.52 3.16
CA ALA B 27 -11.60 -12.72 3.01
C ALA B 27 -10.79 -12.03 4.10
N GLY B 28 -11.47 -11.33 4.99
CA GLY B 28 -10.81 -10.78 6.17
C GLY B 28 -10.46 -9.31 6.11
N ASN B 29 -11.14 -8.55 5.25
CA ASN B 29 -10.92 -7.12 5.22
C ASN B 29 -12.04 -6.39 5.94
N ALA B 30 -11.66 -5.55 6.91
CA ALA B 30 -12.64 -4.85 7.75
C ALA B 30 -12.68 -3.35 7.49
N TYR B 31 -13.90 -2.81 7.43
CA TYR B 31 -14.11 -1.38 7.21
C TYR B 31 -15.27 -0.85 8.03
N ALA B 32 -15.36 0.48 8.14
CA ALA B 32 -16.51 1.10 8.80
C ALA B 32 -16.88 2.33 7.98
N ILE B 33 -18.16 2.66 7.93
CA ILE B 33 -18.56 3.89 7.24
C ILE B 33 -19.38 4.72 8.21
N ILE B 34 -19.05 6.00 8.34
CA ILE B 34 -19.82 6.90 9.17
C ILE B 34 -20.41 8.01 8.28
N SER B 35 -21.31 8.80 8.86
CA SER B 35 -21.88 9.94 8.15
C SER B 35 -21.67 11.19 9.03
N GLN B 36 -20.95 12.17 8.49
CA GLN B 36 -20.64 13.41 9.19
C GLN B 36 -20.83 14.59 8.24
N VAL B 37 -21.50 15.63 8.71
CA VAL B 37 -21.73 16.83 7.89
C VAL B 37 -22.33 16.43 6.54
N ASN B 38 -23.26 15.47 6.56
CA ASN B 38 -23.99 15.07 5.37
C ASN B 38 -23.13 14.39 4.31
N GLU B 39 -22.03 13.78 4.75
CA GLU B 39 -21.16 13.05 3.85
C GLU B 39 -20.84 11.69 4.45
N MSE B 40 -20.82 10.66 3.61
CA MSE B 40 -20.39 9.34 4.09
C MSE B 40 -18.88 9.20 3.95
O MSE B 40 -18.31 9.56 2.92
CB MSE B 40 -21.11 8.24 3.33
CG MSE B 40 -22.61 8.18 3.65
SE MSE B 40 -23.50 6.69 2.78
CE MSE B 40 -23.64 7.50 1.02
N ILE B 41 -18.23 8.68 4.99
CA ILE B 41 -16.78 8.60 5.04
C ILE B 41 -16.37 7.15 5.31
N PRO B 42 -15.84 6.46 4.28
CA PRO B 42 -15.31 5.11 4.47
C PRO B 42 -14.03 5.15 5.31
N MSE B 43 -13.87 4.13 6.15
CA MSE B 43 -12.72 4.03 7.05
C MSE B 43 -12.21 2.60 7.00
O MSE B 43 -12.97 1.67 6.74
CB MSE B 43 -13.15 4.36 8.47
CG MSE B 43 -13.97 5.64 8.58
SE MSE B 43 -14.58 5.95 10.40
CE MSE B 43 -13.17 7.00 10.93
N ARG B 44 -10.91 2.41 7.24
CA ARG B 44 -10.36 1.07 7.28
C ARG B 44 -9.88 0.73 8.68
N LEU B 45 -9.95 -0.55 9.03
CA LEU B 45 -9.45 -1.04 10.31
C LEU B 45 -7.93 -0.85 10.44
N MSE B 46 -7.51 -0.13 11.46
CA MSE B 46 -6.09 0.21 11.68
C MSE B 46 -5.42 -0.62 12.78
O MSE B 46 -4.24 -0.95 12.67
CB MSE B 46 -5.93 1.68 12.03
CG MSE B 46 -6.25 2.62 10.88
SE MSE B 46 -5.27 2.16 9.27
CE MSE B 46 -3.44 2.33 9.97
N LYS B 47 -6.15 -0.93 13.84
CA LYS B 47 -5.58 -1.69 14.94
C LYS B 47 -6.65 -2.41 15.73
N MSE B 48 -6.26 -3.47 16.45
CA MSE B 48 -7.19 -4.20 17.29
C MSE B 48 -6.71 -4.27 18.74
O MSE B 48 -5.54 -4.53 18.99
CB MSE B 48 -7.43 -5.60 16.76
CG MSE B 48 -8.68 -5.75 15.93
SE MSE B 48 -8.59 -7.35 14.85
CE MSE B 48 -7.00 -6.87 13.85
N ALA B 52 -10.99 -2.16 18.47
CA ALA B 52 -10.86 -2.01 17.03
C ALA B 52 -10.95 -0.54 16.63
N ASN B 53 -9.90 -0.01 16.00
CA ASN B 53 -9.83 1.41 15.63
C ASN B 53 -9.78 1.56 14.13
N TYR B 54 -10.59 2.49 13.61
CA TYR B 54 -10.71 2.71 12.18
C TYR B 54 -10.31 4.14 11.83
N GLU B 55 -9.74 4.32 10.64
CA GLU B 55 -9.30 5.65 10.19
C GLU B 55 -9.82 5.94 8.79
N ALA B 56 -10.25 7.19 8.55
CA ALA B 56 -10.74 7.57 7.22
C ALA B 56 -9.74 7.16 6.15
N ILE B 57 -10.26 6.64 5.05
CA ILE B 57 -9.42 6.21 3.93
C ILE B 57 -8.97 7.42 3.12
N ASP B 58 -9.86 8.38 2.94
CA ASP B 58 -9.56 9.61 2.23
C ASP B 58 -8.82 10.55 3.18
N LYS B 59 -7.55 10.83 2.85
CA LYS B 59 -6.67 11.64 3.70
C LYS B 59 -7.09 13.10 3.87
N ASN B 60 -8.05 13.56 3.08
CA ASN B 60 -8.58 14.90 3.27
C ASN B 60 -9.42 14.96 4.54
N TYR B 61 -9.77 13.78 5.06
CA TYR B 61 -10.52 13.69 6.29
C TYR B 61 -9.63 13.13 7.40
N THR B 62 -9.86 13.57 8.63
CA THR B 62 -9.04 13.12 9.73
C THR B 62 -9.84 12.39 10.80
N TYR B 63 -11.05 11.95 10.46
CA TYR B 63 -11.87 11.18 11.40
C TYR B 63 -11.21 9.87 11.76
N LYS B 64 -11.31 9.51 13.04
CA LYS B 64 -10.88 8.20 13.53
C LYS B 64 -11.95 7.70 14.48
N LEU B 65 -12.30 6.41 14.35
CA LEU B 65 -13.32 5.78 15.18
C LEU B 65 -12.63 4.77 16.08
N TYR B 66 -12.71 4.99 17.40
CA TYR B 66 -12.15 4.04 18.36
C TYR B 66 -13.28 3.21 18.95
N THR B 67 -13.20 1.88 18.86
CA THR B 67 -14.24 1.02 19.43
C THR B 67 -13.68 0.06 20.48
N LYS B 68 -14.49 -0.21 21.50
CA LYS B 68 -14.13 -1.21 22.51
C LYS B 68 -15.42 -1.87 22.94
N GLY B 69 -15.64 -3.11 22.49
CA GLY B 69 -16.86 -3.81 22.79
C GLY B 69 -18.05 -3.08 22.22
N LYS B 70 -18.98 -2.71 23.09
CA LYS B 70 -20.21 -2.05 22.67
C LYS B 70 -20.08 -0.53 22.79
N THR B 71 -18.87 -0.03 23.02
CA THR B 71 -18.68 1.42 23.14
C THR B 71 -17.81 1.96 22.01
N ALA B 72 -17.87 3.27 21.80
CA ALA B 72 -17.05 3.88 20.76
C ALA B 72 -16.88 5.37 21.03
N GLU B 73 -15.87 5.95 20.36
CA GLU B 73 -15.66 7.39 20.33
C GLU B 73 -15.23 7.77 18.93
N LEU B 74 -15.72 8.90 18.44
CA LEU B 74 -15.28 9.44 17.16
C LEU B 74 -14.50 10.71 17.43
N VAL B 75 -13.31 10.80 16.85
CA VAL B 75 -12.48 11.99 16.98
C VAL B 75 -12.12 12.54 15.61
N GLU B 76 -11.56 13.74 15.59
CA GLU B 76 -11.01 14.33 14.37
C GLU B 76 -9.74 15.08 14.75
N GLY B 77 -8.92 15.42 13.76
CA GLY B 77 -7.68 16.12 14.03
C GLY B 77 -6.84 15.41 15.08
N ASP B 78 -6.33 16.18 16.03
CA ASP B 78 -5.49 15.61 17.08
C ASP B 78 -6.31 15.01 18.21
N ASP B 79 -7.01 13.91 17.92
CA ASP B 79 -7.86 13.25 18.90
C ASP B 79 -8.84 14.24 19.58
N LYS B 80 -9.28 15.24 18.82
CA LYS B 80 -10.37 16.11 19.25
C LYS B 80 -11.71 15.38 19.16
N PRO B 81 -12.44 15.29 20.28
CA PRO B 81 -13.68 14.52 20.34
C PRO B 81 -14.79 15.11 19.48
N VAL B 82 -15.44 14.25 18.72
CA VAL B 82 -16.58 14.65 17.90
C VAL B 82 -17.84 14.06 18.54
N LEU B 83 -17.82 12.75 18.78
CA LEU B 83 -18.89 12.06 19.47
C LEU B 83 -18.25 11.19 20.53
N SER B 84 -18.68 11.34 21.78
CA SER B 84 -18.04 10.67 22.91
C SER B 84 -19.02 9.81 23.69
N ASN B 85 -18.48 8.83 24.41
CA ASN B 85 -19.28 7.99 25.28
C ASN B 85 -20.44 7.34 24.53
N CYS B 86 -20.14 6.86 23.32
CA CYS B 86 -21.15 6.19 22.54
C CYS B 86 -21.31 4.77 22.99
N SER B 87 -22.56 4.31 23.01
CA SER B 87 -22.83 2.92 23.34
C SER B 87 -23.90 2.34 22.42
N LEU B 88 -23.75 1.07 22.07
CA LEU B 88 -24.70 0.40 21.17
C LEU B 88 -26.12 0.50 21.70
N ALA B 89 -27.05 0.84 20.83
CA ALA B 89 -28.43 1.04 21.25
C ALA B 89 -29.22 -0.26 21.26
N GLN C 3 17.22 -23.07 -11.79
CA GLN C 3 16.82 -23.83 -12.97
C GLN C 3 15.38 -24.37 -12.87
N GLU C 4 14.80 -24.41 -11.68
CA GLU C 4 13.52 -25.09 -11.50
C GLU C 4 12.34 -24.16 -11.24
N ILE C 5 12.61 -22.94 -10.80
CA ILE C 5 11.53 -22.02 -10.49
C ILE C 5 11.75 -20.71 -11.25
N SER C 6 10.68 -20.22 -11.87
CA SER C 6 10.77 -18.98 -12.63
C SER C 6 9.48 -18.20 -12.46
N LYS C 7 9.54 -16.91 -12.73
CA LYS C 7 8.35 -16.07 -12.63
C LYS C 7 8.04 -15.49 -14.00
N SER C 8 6.78 -15.61 -14.41
CA SER C 8 6.31 -15.00 -15.65
C SER C 8 5.31 -13.92 -15.34
N ILE C 9 5.39 -12.83 -16.08
CA ILE C 9 4.42 -11.76 -15.92
C ILE C 9 3.64 -11.61 -17.24
N TYR C 10 2.31 -11.59 -17.14
CA TYR C 10 1.45 -11.52 -18.33
C TYR C 10 0.67 -10.21 -18.30
N THR C 11 0.55 -9.59 -19.47
CA THR C 11 -0.38 -8.48 -19.64
C THR C 11 -1.70 -9.04 -20.16
N CYS C 12 -2.78 -8.69 -19.47
CA CYS C 12 -4.13 -9.19 -19.80
C CYS C 12 -5.11 -8.08 -20.14
N ASN C 13 -6.30 -8.47 -20.59
CA ASN C 13 -7.31 -7.49 -20.97
C ASN C 13 -7.69 -6.62 -19.78
N ASP C 14 -8.29 -5.46 -20.07
CA ASP C 14 -8.76 -4.53 -19.04
C ASP C 14 -7.67 -4.00 -18.09
N ASN C 15 -6.45 -3.81 -18.60
CA ASN C 15 -5.33 -3.28 -17.81
C ASN C 15 -5.01 -4.12 -16.58
N GLN C 16 -5.14 -5.42 -16.72
CA GLN C 16 -4.80 -6.35 -15.64
C GLN C 16 -3.47 -7.04 -15.91
N VAL C 17 -2.79 -7.37 -14.82
CA VAL C 17 -1.52 -8.10 -14.91
C VAL C 17 -1.68 -9.41 -14.17
N MSE C 18 -1.08 -10.46 -14.67
CA MSE C 18 -1.06 -11.74 -13.92
C MSE C 18 0.36 -12.21 -13.72
O MSE C 18 1.07 -12.40 -14.70
CB MSE C 18 -1.84 -12.80 -14.70
CG MSE C 18 -1.89 -14.16 -14.03
SE MSE C 18 -3.04 -15.45 -14.92
CE MSE C 18 -2.01 -15.66 -16.57
N GLU C 19 0.77 -12.41 -12.47
CA GLU C 19 2.02 -13.09 -12.16
C GLU C 19 1.77 -14.60 -12.05
N VAL C 20 2.66 -15.39 -12.63
CA VAL C 20 2.62 -16.83 -12.40
C VAL C 20 4.03 -17.28 -12.02
N ILE C 21 4.12 -18.07 -10.96
CA ILE C 21 5.36 -18.77 -10.63
C ILE C 21 5.25 -20.16 -11.23
N TYR C 22 6.18 -20.52 -12.10
CA TYR C 22 6.19 -21.85 -12.66
C TYR C 22 7.30 -22.67 -12.01
N VAL C 23 6.97 -23.91 -11.64
CA VAL C 23 7.92 -24.86 -11.10
C VAL C 23 8.05 -26.00 -12.10
N ASN C 24 9.26 -26.18 -12.61
CA ASN C 24 9.52 -27.24 -13.56
C ASN C 24 10.71 -28.03 -13.05
N THR C 25 10.44 -29.19 -12.47
CA THR C 25 11.51 -29.90 -11.75
C THR C 25 12.46 -30.56 -12.75
N GLU C 26 13.65 -30.87 -12.27
CA GLU C 26 14.66 -31.52 -13.07
C GLU C 26 14.16 -32.81 -13.73
N ALA C 27 13.29 -33.53 -13.01
CA ALA C 27 12.77 -34.81 -13.52
C ALA C 27 11.57 -34.62 -14.46
N GLY C 28 11.12 -33.37 -14.61
CA GLY C 28 10.07 -33.05 -15.57
C GLY C 28 8.66 -32.88 -15.04
N ASN C 29 8.51 -32.68 -13.72
CA ASN C 29 7.19 -32.40 -13.17
C ASN C 29 6.91 -30.92 -13.25
N ALA C 30 5.64 -30.57 -13.42
CA ALA C 30 5.28 -29.15 -13.62
C ALA C 30 4.17 -28.70 -12.71
N TYR C 31 4.36 -27.52 -12.12
CA TYR C 31 3.36 -26.91 -11.24
C TYR C 31 3.32 -25.43 -11.57
N ALA C 32 2.27 -24.77 -11.09
CA ALA C 32 2.16 -23.32 -11.23
C ALA C 32 1.60 -22.75 -9.95
N ILE C 33 1.92 -21.49 -9.66
CA ILE C 33 1.29 -20.82 -8.54
C ILE C 33 0.79 -19.46 -9.00
N ILE C 34 -0.46 -19.17 -8.70
CA ILE C 34 -1.04 -17.85 -8.99
C ILE C 34 -1.54 -17.22 -7.70
N SER C 35 -1.80 -15.92 -7.73
CA SER C 35 -2.34 -15.22 -6.57
C SER C 35 -3.70 -14.63 -6.98
N GLN C 36 -4.74 -15.03 -6.25
CA GLN C 36 -6.10 -14.51 -6.46
C GLN C 36 -6.78 -14.26 -5.13
N VAL C 37 -7.55 -13.16 -5.05
CA VAL C 37 -8.23 -12.81 -3.82
C VAL C 37 -7.29 -12.88 -2.62
N ASN C 38 -6.06 -12.39 -2.85
CA ASN C 38 -5.08 -12.26 -1.79
C ASN C 38 -4.65 -13.61 -1.21
N GLU C 39 -4.72 -14.64 -2.03
CA GLU C 39 -4.27 -15.98 -1.65
C GLU C 39 -3.42 -16.57 -2.77
N MSE C 40 -2.41 -17.33 -2.39
CA MSE C 40 -1.66 -18.10 -3.35
C MSE C 40 -2.31 -19.47 -3.57
O MSE C 40 -2.68 -20.16 -2.61
CB MSE C 40 -0.22 -18.25 -2.88
CG MSE C 40 0.59 -16.98 -3.04
SE MSE C 40 2.48 -17.25 -2.58
CE MSE C 40 2.24 -17.60 -0.68
N ILE C 41 -2.46 -19.84 -4.85
CA ILE C 41 -3.12 -21.07 -5.24
C ILE C 41 -2.16 -21.98 -6.01
N PRO C 42 -1.69 -23.04 -5.35
CA PRO C 42 -0.84 -24.00 -6.05
C PRO C 42 -1.64 -24.84 -7.04
N MSE C 43 -1.06 -25.08 -8.21
CA MSE C 43 -1.73 -25.80 -9.28
C MSE C 43 -0.83 -26.88 -9.86
O MSE C 43 0.40 -26.77 -9.82
CB MSE C 43 -2.12 -24.83 -10.38
CG MSE C 43 -2.74 -23.57 -9.84
SE MSE C 43 -3.17 -22.33 -11.29
CE MSE C 43 -4.88 -23.04 -11.79
N ARG C 44 -1.45 -27.92 -10.41
CA ARG C 44 -0.72 -29.04 -11.01
C ARG C 44 -1.00 -29.05 -12.50
N LEU C 45 -0.04 -29.52 -13.30
CA LEU C 45 -0.25 -29.69 -14.72
C LEU C 45 -1.23 -30.84 -14.99
N MSE C 46 -2.21 -30.58 -15.85
CA MSE C 46 -3.12 -31.63 -16.31
C MSE C 46 -2.52 -32.33 -17.52
O MSE C 46 -2.34 -31.72 -18.58
CB MSE C 46 -4.49 -31.04 -16.66
CG MSE C 46 -5.29 -30.61 -15.44
SE MSE C 46 -7.03 -29.80 -15.92
CE MSE C 46 -6.36 -28.29 -16.81
N LYS C 47 -2.21 -33.60 -17.37
CA LYS C 47 -1.67 -34.35 -18.51
C LYS C 47 -2.72 -34.50 -19.62
N MSE C 48 -2.90 -33.44 -20.40
CA MSE C 48 -3.90 -33.42 -21.45
C MSE C 48 -3.37 -32.70 -22.69
O MSE C 48 -2.17 -32.45 -22.80
CB MSE C 48 -5.17 -32.72 -20.97
CG MSE C 48 -4.94 -31.27 -20.61
SE MSE C 48 -6.59 -30.27 -20.33
CE MSE C 48 -7.32 -31.26 -18.83
N ALA C 49 -4.29 -32.37 -23.59
CA ALA C 49 -3.93 -31.70 -24.84
C ALA C 49 -3.03 -30.49 -24.62
N SER C 50 -2.00 -30.38 -25.44
CA SER C 50 -1.09 -29.23 -25.38
C SER C 50 -1.89 -27.93 -25.35
N GLY C 51 -1.29 -26.86 -24.86
CA GLY C 51 0.09 -26.88 -24.41
C GLY C 51 0.26 -27.24 -22.95
N ALA C 52 -0.02 -26.30 -22.06
CA ALA C 52 0.22 -26.55 -20.66
C ALA C 52 -0.93 -25.96 -19.83
N ASN C 53 -1.76 -26.84 -19.30
CA ASN C 53 -2.97 -26.45 -18.61
C ASN C 53 -2.93 -26.94 -17.18
N TYR C 54 -3.25 -26.05 -16.25
CA TYR C 54 -3.08 -26.33 -14.82
C TYR C 54 -4.38 -26.24 -14.06
N GLU C 55 -4.51 -27.02 -13.00
CA GLU C 55 -5.66 -26.94 -12.13
C GLU C 55 -5.23 -26.84 -10.68
N ALA C 56 -6.03 -26.17 -9.86
CA ALA C 56 -5.72 -26.05 -8.45
C ALA C 56 -5.67 -27.41 -7.79
N ILE C 57 -4.66 -27.62 -6.95
CA ILE C 57 -4.49 -28.86 -6.21
C ILE C 57 -5.57 -29.00 -5.13
N ASP C 58 -5.97 -27.88 -4.55
CA ASP C 58 -7.02 -27.88 -3.53
C ASP C 58 -8.36 -27.86 -4.24
N LYS C 59 -9.09 -28.97 -4.14
CA LYS C 59 -10.35 -29.13 -4.87
C LYS C 59 -11.44 -28.13 -4.48
N ASN C 60 -11.25 -27.41 -3.37
CA ASN C 60 -12.14 -26.33 -3.00
C ASN C 60 -12.06 -25.15 -3.96
N TYR C 61 -10.96 -25.07 -4.71
CA TYR C 61 -10.79 -24.02 -5.71
C TYR C 61 -11.05 -24.58 -7.09
N THR C 62 -11.62 -23.76 -7.96
CA THR C 62 -11.94 -24.21 -9.31
C THR C 62 -11.14 -23.44 -10.37
N TYR C 63 -10.11 -22.72 -9.95
CA TYR C 63 -9.25 -22.05 -10.90
C TYR C 63 -8.57 -23.04 -11.82
N LYS C 64 -8.57 -22.72 -13.11
CA LYS C 64 -7.77 -23.41 -14.09
C LYS C 64 -7.05 -22.40 -14.98
N LEU C 65 -5.80 -22.70 -15.28
CA LEU C 65 -4.95 -21.82 -16.05
C LEU C 65 -4.62 -22.55 -17.35
N TYR C 66 -5.06 -21.99 -18.47
CA TYR C 66 -4.81 -22.62 -19.75
C TYR C 66 -3.78 -21.82 -20.49
N THR C 67 -2.70 -22.47 -20.89
CA THR C 67 -1.63 -21.75 -21.57
C THR C 67 -1.22 -22.45 -22.86
N LYS C 68 -0.79 -21.63 -23.82
CA LYS C 68 -0.42 -22.07 -25.15
C LYS C 68 0.63 -21.10 -25.65
N GLY C 69 1.86 -21.56 -25.80
CA GLY C 69 2.93 -20.68 -26.21
C GLY C 69 3.12 -19.54 -25.22
N LYS C 70 2.97 -18.31 -25.72
CA LYS C 70 3.17 -17.12 -24.91
C LYS C 70 1.87 -16.63 -24.31
N THR C 71 0.78 -17.34 -24.57
CA THR C 71 -0.53 -16.85 -24.20
C THR C 71 -1.13 -17.67 -23.06
N ALA C 72 -2.12 -17.09 -22.40
CA ALA C 72 -2.73 -17.77 -21.26
C ALA C 72 -4.12 -17.21 -20.99
N GLU C 73 -4.92 -17.99 -20.28
CA GLU C 73 -6.25 -17.59 -19.86
C GLU C 73 -6.47 -18.16 -18.48
N LEU C 74 -6.98 -17.36 -17.56
CA LEU C 74 -7.37 -17.85 -16.24
C LEU C 74 -8.88 -17.81 -16.10
N VAL C 75 -9.43 -18.97 -15.75
CA VAL C 75 -10.87 -19.12 -15.55
C VAL C 75 -11.16 -19.76 -14.20
N GLU C 76 -12.44 -19.75 -13.82
CA GLU C 76 -12.91 -20.44 -12.62
C GLU C 76 -14.26 -21.04 -12.95
N GLY C 77 -14.72 -21.96 -12.12
CA GLY C 77 -16.02 -22.58 -12.29
C GLY C 77 -16.21 -23.13 -13.69
N ASP C 78 -17.37 -22.87 -14.27
CA ASP C 78 -17.69 -23.36 -15.60
C ASP C 78 -17.08 -22.47 -16.67
N ASP C 79 -15.75 -22.43 -16.70
CA ASP C 79 -15.01 -21.61 -17.65
C ASP C 79 -15.43 -20.13 -17.61
N LYS C 80 -15.72 -19.63 -16.42
CA LYS C 80 -15.98 -18.21 -16.21
C LYS C 80 -14.66 -17.44 -16.24
N PRO C 81 -14.53 -16.46 -17.14
CA PRO C 81 -13.28 -15.69 -17.27
C PRO C 81 -12.90 -14.98 -15.98
N VAL C 82 -11.63 -15.08 -15.63
CA VAL C 82 -11.08 -14.32 -14.52
C VAL C 82 -10.08 -13.30 -15.08
N LEU C 83 -9.11 -13.79 -15.85
CA LEU C 83 -8.18 -12.92 -16.56
C LEU C 83 -8.09 -13.46 -17.98
N SER C 84 -8.23 -12.58 -18.98
CA SER C 84 -8.43 -13.02 -20.36
C SER C 84 -7.40 -12.43 -21.31
N ASN C 85 -7.12 -13.16 -22.38
CA ASN C 85 -6.20 -12.69 -23.41
C ASN C 85 -4.88 -12.26 -22.82
N CYS C 86 -4.31 -13.12 -21.97
CA CYS C 86 -3.03 -12.81 -21.35
C CYS C 86 -1.87 -13.19 -22.27
N SER C 87 -0.86 -12.33 -22.33
CA SER C 87 0.35 -12.67 -23.08
C SER C 87 1.55 -12.33 -22.25
N LEU C 88 2.62 -13.13 -22.37
CA LEU C 88 3.86 -12.76 -21.73
C LEU C 88 4.22 -11.31 -22.05
N ALA C 89 4.55 -10.56 -21.01
CA ALA C 89 4.82 -9.15 -21.16
C ALA C 89 6.04 -8.93 -22.05
N ASN C 90 5.95 -7.94 -22.94
CA ASN C 90 7.10 -7.62 -23.78
C ASN C 90 7.19 -6.13 -24.12
N GLN D 3 -8.55 -2.73 -2.99
CA GLN D 3 -9.36 -1.59 -3.43
C GLN D 3 -10.83 -2.01 -3.53
N GLU D 4 -11.51 -2.03 -2.39
CA GLU D 4 -12.86 -2.62 -2.33
C GLU D 4 -13.97 -1.61 -2.10
N ILE D 5 -13.64 -0.44 -1.58
CA ILE D 5 -14.65 0.54 -1.24
C ILE D 5 -14.38 1.81 -2.02
N SER D 6 -15.42 2.32 -2.67
CA SER D 6 -15.30 3.52 -3.48
C SER D 6 -16.50 4.42 -3.23
N LYS D 7 -16.35 5.69 -3.57
CA LYS D 7 -17.44 6.65 -3.39
C LYS D 7 -17.78 7.25 -4.73
N SER D 8 -19.04 7.14 -5.14
CA SER D 8 -19.51 7.79 -6.36
C SER D 8 -20.45 8.92 -6.01
N ILE D 9 -20.33 10.02 -6.73
CA ILE D 9 -21.20 11.17 -6.54
C ILE D 9 -22.03 11.35 -7.81
N TYR D 10 -23.35 11.36 -7.68
CA TYR D 10 -24.24 11.50 -8.83
C TYR D 10 -24.93 12.84 -8.76
N THR D 11 -25.10 13.48 -9.92
CA THR D 11 -25.98 14.64 -9.99
C THR D 11 -27.34 14.20 -10.53
N CYS D 12 -28.40 14.60 -9.84
CA CYS D 12 -29.76 14.15 -10.19
C CYS D 12 -30.65 15.34 -10.51
N ASN D 13 -31.89 15.04 -10.92
CA ASN D 13 -32.86 16.10 -11.17
C ASN D 13 -33.14 16.92 -9.93
N ASP D 14 -33.70 18.11 -10.14
CA ASP D 14 -34.12 18.98 -9.05
C ASP D 14 -32.98 19.43 -8.15
N ASN D 15 -31.77 19.55 -8.72
CA ASN D 15 -30.61 20.07 -7.99
C ASN D 15 -30.19 19.19 -6.81
N GLN D 16 -30.45 17.89 -6.92
CA GLN D 16 -30.13 16.95 -5.87
C GLN D 16 -28.84 16.21 -6.20
N VAL D 17 -28.05 15.92 -5.17
CA VAL D 17 -26.85 15.10 -5.32
C VAL D 17 -27.05 13.82 -4.52
N MSE D 18 -26.59 12.70 -5.08
CA MSE D 18 -26.64 11.44 -4.34
C MSE D 18 -25.25 10.86 -4.24
O MSE D 18 -24.59 10.63 -5.26
CB MSE D 18 -27.54 10.44 -5.07
CG MSE D 18 -27.70 9.10 -4.39
SE MSE D 18 -28.90 7.89 -5.34
CE MSE D 18 -27.90 7.64 -7.02
N GLU D 19 -24.78 10.63 -3.01
CA GLU D 19 -23.54 9.92 -2.76
C GLU D 19 -23.89 8.45 -2.65
N VAL D 20 -23.09 7.59 -3.26
CA VAL D 20 -23.24 6.16 -3.05
C VAL D 20 -21.88 5.62 -2.69
N ILE D 21 -21.82 4.86 -1.60
CA ILE D 21 -20.62 4.08 -1.30
C ILE D 21 -20.81 2.70 -1.88
N TYR D 22 -19.93 2.34 -2.82
CA TYR D 22 -19.97 1.00 -3.38
C TYR D 22 -18.94 0.10 -2.71
N VAL D 23 -19.34 -1.11 -2.37
CA VAL D 23 -18.43 -2.10 -1.83
C VAL D 23 -18.37 -3.24 -2.82
N ASN D 24 -17.18 -3.47 -3.36
CA ASN D 24 -16.98 -4.52 -4.33
C ASN D 24 -15.85 -5.38 -3.86
N THR D 25 -16.21 -6.50 -3.25
CA THR D 25 -15.20 -7.31 -2.59
C THR D 25 -14.30 -7.98 -3.62
N GLU D 26 -13.08 -8.25 -3.21
CA GLU D 26 -12.13 -8.94 -4.08
C GLU D 26 -12.67 -10.26 -4.62
N ALA D 27 -13.58 -10.88 -3.89
CA ALA D 27 -14.17 -12.15 -4.30
C ALA D 27 -15.37 -11.99 -5.25
N GLY D 28 -15.83 -10.76 -5.45
CA GLY D 28 -16.91 -10.51 -6.37
C GLY D 28 -18.30 -10.25 -5.79
N ASN D 29 -18.39 -9.98 -4.50
CA ASN D 29 -19.67 -9.63 -3.88
C ASN D 29 -19.86 -8.14 -3.95
N ALA D 30 -21.10 -7.70 -4.10
CA ALA D 30 -21.41 -6.29 -4.40
C ALA D 30 -22.46 -5.73 -3.45
N TYR D 31 -22.12 -4.59 -2.84
CA TYR D 31 -23.05 -3.87 -1.96
C TYR D 31 -23.01 -2.39 -2.28
N ALA D 32 -24.03 -1.68 -1.77
CA ALA D 32 -24.05 -0.22 -1.90
C ALA D 32 -24.60 0.35 -0.60
N ILE D 33 -24.22 1.59 -0.30
CA ILE D 33 -24.79 2.29 0.85
C ILE D 33 -25.19 3.70 0.42
N ILE D 34 -26.45 4.06 0.68
CA ILE D 34 -26.95 5.40 0.40
C ILE D 34 -27.39 6.02 1.73
N SER D 35 -27.59 7.33 1.73
CA SER D 35 -28.12 8.03 2.88
C SER D 35 -29.44 8.72 2.51
N GLN D 36 -30.50 8.41 3.28
CA GLN D 36 -31.82 8.99 3.09
C GLN D 36 -32.43 9.32 4.44
N VAL D 37 -33.04 10.51 4.55
CA VAL D 37 -33.66 10.95 5.80
C VAL D 37 -32.70 10.76 6.98
N ASN D 38 -31.45 11.15 6.75
CA ASN D 38 -30.39 11.15 7.75
C ASN D 38 -30.09 9.77 8.30
N GLU D 39 -30.36 8.73 7.50
CA GLU D 39 -30.00 7.36 7.86
C GLU D 39 -29.22 6.71 6.73
N MSE D 40 -28.21 5.92 7.09
CA MSE D 40 -27.52 5.10 6.11
C MSE D 40 -28.27 3.78 5.90
O MSE D 40 -28.68 3.12 6.86
CB MSE D 40 -26.07 4.84 6.51
CG MSE D 40 -25.19 6.07 6.39
SE MSE D 40 -23.31 5.70 6.76
CE MSE D 40 -23.45 5.39 8.65
N ILE D 41 -28.42 3.43 4.62
CA ILE D 41 -29.19 2.26 4.21
C ILE D 41 -28.27 1.31 3.45
N PRO D 42 -27.84 0.22 4.08
CA PRO D 42 -27.03 -0.78 3.36
C PRO D 42 -27.87 -1.59 2.39
N MSE D 43 -27.30 -1.88 1.23
CA MSE D 43 -28.04 -2.52 0.14
C MSE D 43 -27.19 -3.61 -0.48
O MSE D 43 -25.97 -3.51 -0.50
CB MSE D 43 -28.37 -1.48 -0.92
CG MSE D 43 -29.10 -0.26 -0.39
SE MSE D 43 -29.42 0.98 -1.84
CE MSE D 43 -31.15 0.42 -2.30
N ARG D 44 -27.85 -4.62 -1.02
CA ARG D 44 -27.13 -5.72 -1.68
C ARG D 44 -27.47 -5.78 -3.16
N LEU D 45 -26.52 -6.21 -3.98
CA LEU D 45 -26.79 -6.38 -5.41
C LEU D 45 -27.76 -7.54 -5.68
N MSE D 46 -28.77 -7.29 -6.50
CA MSE D 46 -29.62 -8.37 -7.02
C MSE D 46 -29.02 -8.97 -8.28
O MSE D 46 -28.92 -8.33 -9.32
CB MSE D 46 -31.04 -7.85 -7.29
CG MSE D 46 -31.83 -7.50 -6.03
SE MSE D 46 -33.54 -6.58 -6.43
CE MSE D 46 -32.76 -4.96 -7.13
N LYS D 47 -28.60 -10.23 -8.22
CA LYS D 47 -27.95 -10.85 -9.37
C LYS D 47 -28.90 -11.16 -10.53
N MSE D 48 -29.20 -10.13 -11.31
CA MSE D 48 -30.03 -10.25 -12.50
C MSE D 48 -29.23 -9.71 -13.69
O MSE D 48 -28.56 -8.68 -13.57
CB MSE D 48 -31.30 -9.43 -12.31
CG MSE D 48 -31.01 -8.05 -11.79
SE MSE D 48 -32.59 -6.99 -11.50
CE MSE D 48 -33.34 -7.88 -9.94
N ALA D 49 -29.31 -10.40 -14.82
CA ALA D 49 -28.56 -10.00 -16.01
C ALA D 49 -29.05 -8.69 -16.59
N SER D 50 -28.82 -7.60 -15.86
CA SER D 50 -29.26 -6.28 -16.30
C SER D 50 -28.70 -5.20 -15.37
N GLY D 51 -27.57 -4.62 -15.76
CA GLY D 51 -26.96 -3.54 -15.00
C GLY D 51 -26.61 -3.92 -13.58
N ALA D 52 -26.56 -2.93 -12.70
CA ALA D 52 -26.27 -3.19 -11.29
C ALA D 52 -27.40 -2.59 -10.46
N ASN D 53 -28.23 -3.46 -9.91
CA ASN D 53 -29.44 -3.03 -9.21
C ASN D 53 -29.41 -3.55 -7.79
N TYR D 54 -29.71 -2.66 -6.84
CA TYR D 54 -29.52 -2.98 -5.42
C TYR D 54 -30.81 -2.84 -4.62
N GLU D 55 -30.96 -3.65 -3.57
CA GLU D 55 -32.11 -3.54 -2.69
C GLU D 55 -31.63 -3.40 -1.24
N ALA D 56 -32.39 -2.65 -0.43
CA ALA D 56 -32.07 -2.56 1.00
C ALA D 56 -32.03 -3.94 1.63
N ILE D 57 -31.02 -4.16 2.46
CA ILE D 57 -30.91 -5.43 3.18
C ILE D 57 -31.96 -5.58 4.26
N ASP D 58 -32.28 -4.48 4.93
CA ASP D 58 -33.34 -4.46 5.93
C ASP D 58 -34.70 -4.32 5.23
N LYS D 59 -35.55 -5.35 5.34
CA LYS D 59 -36.80 -5.39 4.59
C LYS D 59 -37.82 -4.36 5.06
N ASN D 60 -37.52 -3.67 6.15
CA ASN D 60 -38.36 -2.56 6.60
C ASN D 60 -38.17 -1.34 5.72
N TYR D 61 -37.13 -1.35 4.90
CA TYR D 61 -36.93 -0.29 3.92
C TYR D 61 -37.23 -0.84 2.54
N THR D 62 -37.83 0.01 1.70
CA THR D 62 -38.19 -0.41 0.36
C THR D 62 -37.36 0.28 -0.72
N TYR D 63 -36.25 0.90 -0.33
CA TYR D 63 -35.41 1.58 -1.30
C TYR D 63 -34.80 0.58 -2.27
N LYS D 64 -34.80 0.91 -3.54
CA LYS D 64 -34.05 0.19 -4.54
C LYS D 64 -33.29 1.19 -5.39
N LEU D 65 -32.05 0.84 -5.70
CA LEU D 65 -31.18 1.68 -6.49
C LEU D 65 -30.92 0.96 -7.80
N TYR D 66 -31.40 1.54 -8.90
CA TYR D 66 -31.24 0.92 -10.20
C TYR D 66 -30.13 1.66 -10.93
N THR D 67 -29.10 0.93 -11.38
CA THR D 67 -27.99 1.60 -12.07
C THR D 67 -27.67 0.91 -13.40
N LYS D 68 -27.19 1.70 -14.34
CA LYS D 68 -26.83 1.22 -15.67
C LYS D 68 -25.71 2.13 -16.14
N GLY D 69 -24.50 1.58 -16.26
CA GLY D 69 -23.36 2.39 -16.64
C GLY D 69 -23.15 3.57 -15.71
N LYS D 70 -23.15 4.77 -16.27
CA LYS D 70 -22.93 5.99 -15.49
C LYS D 70 -24.21 6.56 -14.90
N THR D 71 -25.34 5.90 -15.14
CA THR D 71 -26.63 6.43 -14.73
C THR D 71 -27.22 5.64 -13.57
N ALA D 72 -28.15 6.27 -12.86
CA ALA D 72 -28.80 5.65 -11.71
C ALA D 72 -30.14 6.30 -11.42
N GLU D 73 -31.00 5.56 -10.73
CA GLU D 73 -32.30 6.03 -10.28
C GLU D 73 -32.54 5.42 -8.91
N LEU D 74 -33.06 6.21 -7.98
CA LEU D 74 -33.41 5.69 -6.64
C LEU D 74 -34.93 5.73 -6.46
N VAL D 75 -35.51 4.59 -6.09
CA VAL D 75 -36.96 4.53 -5.87
C VAL D 75 -37.28 3.94 -4.50
N GLU D 76 -38.55 4.04 -4.14
CA GLU D 76 -39.07 3.41 -2.92
C GLU D 76 -40.47 2.86 -3.20
N GLY D 77 -40.94 2.01 -2.31
CA GLY D 77 -42.27 1.43 -2.42
C GLY D 77 -42.52 0.84 -3.80
N ASP D 78 -43.65 1.18 -4.39
CA ASP D 78 -44.05 0.65 -5.69
C ASP D 78 -43.37 1.45 -6.80
N ASP D 79 -42.04 1.40 -6.79
CA ASP D 79 -41.24 2.13 -7.77
C ASP D 79 -41.58 3.63 -7.81
N LYS D 80 -41.80 4.21 -6.63
CA LYS D 80 -42.02 5.65 -6.55
C LYS D 80 -40.66 6.36 -6.61
N PRO D 81 -40.51 7.33 -7.52
CA PRO D 81 -39.24 8.06 -7.65
C PRO D 81 -38.86 8.77 -6.35
N VAL D 82 -37.59 8.62 -6.00
CA VAL D 82 -36.97 9.40 -4.92
C VAL D 82 -35.94 10.37 -5.50
N LEU D 83 -34.97 9.82 -6.23
CA LEU D 83 -34.00 10.61 -6.98
C LEU D 83 -33.94 10.10 -8.42
N SER D 84 -34.07 11.02 -9.38
CA SER D 84 -34.27 10.64 -10.78
C SER D 84 -33.21 11.20 -11.74
N ASN D 85 -32.99 10.50 -12.84
CA ASN D 85 -32.06 10.93 -13.88
C ASN D 85 -30.69 11.26 -13.29
N CYS D 86 -30.16 10.36 -12.46
CA CYS D 86 -28.87 10.58 -11.85
C CYS D 86 -27.72 10.15 -12.77
N SER D 87 -26.66 10.95 -12.84
CA SER D 87 -25.48 10.60 -13.62
C SER D 87 -24.22 10.90 -12.82
N LEU D 88 -23.19 10.08 -12.98
CA LEU D 88 -21.91 10.33 -12.34
C LEU D 88 -21.47 11.76 -12.62
N ALA D 89 -21.06 12.46 -11.57
CA ALA D 89 -20.80 13.88 -11.67
C ALA D 89 -19.59 14.08 -12.57
N ASN D 90 -19.64 15.08 -13.44
CA ASN D 90 -18.50 15.33 -14.31
C ASN D 90 -18.49 16.77 -14.81
N GLN E 3 19.72 30.22 3.72
CA GLN E 3 18.55 31.03 3.45
C GLN E 3 17.32 30.16 3.15
N GLU E 4 17.39 29.41 2.06
CA GLU E 4 16.20 28.75 1.54
C GLU E 4 16.02 27.30 1.98
N ILE E 5 16.99 26.74 2.68
CA ILE E 5 16.82 25.38 3.20
C ILE E 5 16.98 25.35 4.72
N SER E 6 16.21 24.47 5.36
CA SER E 6 16.25 24.37 6.81
C SER E 6 15.95 22.95 7.25
N LYS E 7 16.46 22.57 8.41
CA LYS E 7 16.29 21.22 8.90
C LYS E 7 15.28 21.20 10.03
N SER E 8 14.27 20.35 9.89
CA SER E 8 13.30 20.12 10.94
C SER E 8 13.49 18.72 11.50
N ILE E 9 13.30 18.58 12.80
CA ILE E 9 13.38 17.27 13.44
C ILE E 9 12.05 16.96 14.10
N TYR E 10 11.45 15.84 13.72
CA TYR E 10 10.20 15.42 14.34
C TYR E 10 10.44 14.21 15.22
N THR E 11 9.66 14.10 16.28
CA THR E 11 9.64 12.90 17.08
C THR E 11 8.33 12.17 16.78
N CYS E 12 8.44 10.87 16.51
CA CYS E 12 7.29 10.11 16.05
C CYS E 12 7.01 8.92 16.97
N ASN E 13 6.02 8.13 16.61
CA ASN E 13 5.72 6.90 17.34
C ASN E 13 6.93 5.94 17.37
N ASP E 14 6.94 5.04 18.34
CA ASP E 14 8.02 4.07 18.47
C ASP E 14 9.36 4.74 18.72
N ASN E 15 9.33 5.93 19.33
CA ASN E 15 10.55 6.67 19.69
C ASN E 15 11.38 7.06 18.47
N GLN E 16 10.75 7.07 17.31
CA GLN E 16 11.48 7.33 16.09
C GLN E 16 11.70 8.81 15.84
N VAL E 17 12.86 9.16 15.29
CA VAL E 17 13.07 10.54 14.88
C VAL E 17 13.05 10.58 13.37
N MSE E 18 12.32 11.55 12.82
CA MSE E 18 12.28 11.76 11.38
C MSE E 18 12.83 13.14 11.09
O MSE E 18 12.32 14.13 11.58
CB MSE E 18 10.86 11.66 10.83
CG MSE E 18 10.76 11.86 9.33
SE MSE E 18 8.94 11.76 8.63
CE MSE E 18 8.22 13.29 9.64
N GLU E 19 13.90 13.20 10.31
CA GLU E 19 14.39 14.49 9.86
C GLU E 19 13.73 14.82 8.54
N VAL E 20 13.46 16.10 8.34
CA VAL E 20 12.99 16.57 7.05
C VAL E 20 13.77 17.85 6.75
N ILE E 21 14.39 17.89 5.57
CA ILE E 21 14.93 19.13 5.07
C ILE E 21 13.86 19.81 4.24
N TYR E 22 13.44 20.99 4.69
CA TYR E 22 12.47 21.75 3.92
C TYR E 22 13.18 22.81 3.08
N VAL E 23 12.78 22.91 1.82
CA VAL E 23 13.28 23.93 0.92
C VAL E 23 12.14 24.88 0.59
N ASN E 24 12.39 26.17 0.76
CA ASN E 24 11.45 27.21 0.36
C ASN E 24 12.23 28.26 -0.42
N THR E 25 12.15 28.23 -1.74
CA THR E 25 12.95 29.16 -2.53
C THR E 25 12.39 30.58 -2.38
N GLU E 26 13.21 31.57 -2.71
CA GLU E 26 12.78 32.96 -2.62
C GLU E 26 11.61 33.22 -3.56
N ALA E 27 11.47 32.35 -4.56
CA ALA E 27 10.39 32.46 -5.54
C ALA E 27 9.12 31.80 -5.04
N GLY E 28 9.26 30.96 -4.03
CA GLY E 28 8.09 30.34 -3.41
C GLY E 28 7.93 28.86 -3.70
N ASN E 29 8.92 28.25 -4.33
CA ASN E 29 8.83 26.83 -4.64
C ASN E 29 9.20 25.98 -3.44
N ALA E 30 8.32 25.03 -3.11
CA ALA E 30 8.49 24.22 -1.91
C ALA E 30 8.83 22.76 -2.17
N TYR E 31 9.82 22.29 -1.43
CA TYR E 31 10.26 20.88 -1.52
C TYR E 31 10.54 20.34 -0.13
N ALA E 32 10.61 19.02 0.00
CA ALA E 32 11.05 18.39 1.23
C ALA E 32 11.96 17.23 0.87
N ILE E 33 12.91 16.92 1.73
CA ILE E 33 13.76 15.75 1.51
C ILE E 33 13.74 14.90 2.77
N ILE E 34 13.49 13.61 2.61
CA ILE E 34 13.50 12.72 3.76
C ILE E 34 14.56 11.65 3.50
N SER E 35 14.87 10.88 4.54
CA SER E 35 15.79 9.76 4.42
C SER E 35 15.10 8.48 4.86
N GLN E 36 15.04 7.51 3.96
CA GLN E 36 14.47 6.20 4.27
C GLN E 36 15.38 5.12 3.70
N VAL E 37 15.67 4.12 4.52
CA VAL E 37 16.48 2.97 4.06
C VAL E 37 17.78 3.44 3.41
N ASN E 38 18.41 4.41 4.07
CA ASN E 38 19.72 4.93 3.65
C ASN E 38 19.73 5.62 2.28
N GLU E 39 18.56 6.11 1.86
CA GLU E 39 18.45 6.89 0.63
C GLU E 39 17.73 8.19 0.92
N MSE E 40 18.18 9.27 0.27
CA MSE E 40 17.50 10.55 0.39
C MSE E 40 16.48 10.65 -0.73
O MSE E 40 16.78 10.31 -1.87
CB MSE E 40 18.49 11.69 0.30
CG MSE E 40 19.28 11.85 1.58
SE MSE E 40 20.45 13.39 1.60
CE MSE E 40 21.87 12.65 0.47
N ILE E 41 15.27 11.09 -0.39
CA ILE E 41 14.17 11.09 -1.34
C ILE E 41 13.63 12.51 -1.43
N PRO E 42 13.92 13.21 -2.54
CA PRO E 42 13.36 14.54 -2.79
C PRO E 42 11.86 14.47 -3.07
N MSE E 43 11.11 15.42 -2.51
CA MSE E 43 9.67 15.47 -2.64
C MSE E 43 9.21 16.87 -3.01
O MSE E 43 9.81 17.87 -2.62
CB MSE E 43 8.99 15.03 -1.35
CG MSE E 43 9.59 13.78 -0.75
SE MSE E 43 8.74 13.38 0.96
CE MSE E 43 7.42 12.24 0.31
N ARG E 44 8.12 16.94 -3.75
CA ARG E 44 7.57 18.24 -4.11
C ARG E 44 6.25 18.50 -3.41
N LEU E 45 5.99 19.77 -3.12
CA LEU E 45 4.71 20.16 -2.54
C LEU E 45 3.60 19.94 -3.57
N MSE E 46 2.52 19.29 -3.13
CA MSE E 46 1.41 18.97 -4.04
C MSE E 46 0.07 19.52 -3.57
O MSE E 46 -0.92 19.43 -4.28
CB MSE E 46 1.31 17.46 -4.26
CG MSE E 46 2.56 16.85 -4.86
SE MSE E 46 2.92 17.47 -6.67
CE MSE E 46 1.75 16.27 -7.65
N LYS E 47 0.04 20.08 -2.36
CA LYS E 47 -1.19 20.65 -1.81
C LYS E 47 -0.89 21.63 -0.67
N ALA E 52 0.27 20.98 4.47
CA ALA E 52 1.03 20.87 3.24
C ALA E 52 1.44 19.43 3.03
N ASN E 53 1.19 18.91 1.83
CA ASN E 53 1.51 17.53 1.51
C ASN E 53 2.54 17.46 0.41
N TYR E 54 3.53 16.59 0.58
CA TYR E 54 4.62 16.43 -0.37
C TYR E 54 4.62 15.01 -0.91
N GLU E 55 5.02 14.86 -2.18
CA GLU E 55 5.09 13.54 -2.78
C GLU E 55 6.46 13.36 -3.45
N ALA E 56 6.97 12.13 -3.44
CA ALA E 56 8.27 11.86 -4.05
C ALA E 56 8.32 12.31 -5.51
N ILE E 57 9.38 12.99 -5.88
CA ILE E 57 9.53 13.45 -7.26
C ILE E 57 9.80 12.28 -8.20
N ASP E 58 10.61 11.32 -7.75
CA ASP E 58 10.88 10.11 -8.50
C ASP E 58 9.69 9.17 -8.31
N LYS E 59 8.90 8.99 -9.36
CA LYS E 59 7.67 8.20 -9.31
C LYS E 59 7.89 6.74 -8.95
N ASN E 60 9.13 6.28 -9.05
CA ASN E 60 9.48 4.92 -8.62
C ASN E 60 9.30 4.75 -7.11
N TYR E 61 9.31 5.87 -6.39
CA TYR E 61 9.06 5.87 -4.95
C TYR E 61 7.63 6.29 -4.68
N THR E 62 7.05 5.77 -3.61
CA THR E 62 5.65 6.04 -3.33
C THR E 62 5.49 6.75 -2.00
N TYR E 63 6.59 7.25 -1.45
CA TYR E 63 6.53 8.00 -0.20
C TYR E 63 5.71 9.27 -0.36
N LYS E 64 4.88 9.54 0.64
CA LYS E 64 4.08 10.74 0.73
C LYS E 64 4.14 11.28 2.15
N LEU E 65 4.40 12.58 2.28
CA LEU E 65 4.51 13.22 3.59
C LEU E 65 3.37 14.20 3.79
N TYR E 66 2.52 13.91 4.78
CA TYR E 66 1.37 14.75 5.10
C TYR E 66 1.74 15.62 6.27
N THR E 67 1.57 16.94 6.17
CA THR E 67 1.87 17.81 7.30
C THR E 67 0.71 18.72 7.65
N LYS E 68 0.60 19.04 8.93
CA LYS E 68 -0.37 20.01 9.43
C LYS E 68 0.20 20.69 10.67
N GLY E 69 0.55 21.97 10.52
CA GLY E 69 1.14 22.70 11.63
C GLY E 69 2.47 22.11 12.05
N LYS E 70 2.55 21.65 13.29
CA LYS E 70 3.77 21.05 13.78
C LYS E 70 3.70 19.53 13.78
N THR E 71 2.74 18.98 13.04
CA THR E 71 2.58 17.53 12.95
C THR E 71 2.78 17.01 11.53
N ALA E 72 3.07 15.72 11.42
CA ALA E 72 3.30 15.12 10.11
C ALA E 72 3.11 13.61 10.18
N GLU E 73 2.92 13.01 9.02
CA GLU E 73 2.86 11.55 8.91
C GLU E 73 3.50 11.15 7.60
N LEU E 74 4.30 10.09 7.63
CA LEU E 74 4.92 9.58 6.41
C LEU E 74 4.29 8.25 6.04
N VAL E 75 3.81 8.12 4.81
CA VAL E 75 3.25 6.86 4.33
C VAL E 75 3.91 6.42 3.03
N GLU E 76 3.61 5.19 2.63
CA GLU E 76 4.07 4.64 1.35
C GLU E 76 2.97 3.73 0.80
N GLY E 77 3.06 3.39 -0.47
CA GLY E 77 2.05 2.55 -1.10
C GLY E 77 0.66 3.14 -0.94
N ASP E 78 -0.29 2.29 -0.60
CA ASP E 78 -1.68 2.72 -0.40
C ASP E 78 -1.87 3.33 0.99
N ASP E 79 -1.26 4.49 1.23
CA ASP E 79 -1.34 5.15 2.53
C ASP E 79 -1.02 4.23 3.71
N LYS E 80 -0.06 3.33 3.51
CA LYS E 80 0.47 2.52 4.60
C LYS E 80 1.45 3.31 5.47
N PRO E 81 1.13 3.45 6.77
CA PRO E 81 1.97 4.24 7.68
C PRO E 81 3.40 3.74 7.73
N VAL E 82 4.33 4.67 7.64
CA VAL E 82 5.74 4.39 7.81
C VAL E 82 6.17 5.00 9.13
N LEU E 83 5.93 6.31 9.25
CA LEU E 83 6.18 7.04 10.49
C LEU E 83 4.93 7.83 10.84
N SER E 84 4.47 7.70 12.08
CA SER E 84 3.15 8.21 12.45
C SER E 84 3.20 9.11 13.68
N ASN E 85 2.22 10.00 13.79
CA ASN E 85 2.09 10.87 14.94
C ASN E 85 3.38 11.61 15.22
N CYS E 86 3.93 12.22 14.17
CA CYS E 86 5.15 12.99 14.30
C CYS E 86 4.84 14.42 14.71
N SER E 87 5.71 15.01 15.53
CA SER E 87 5.60 16.41 15.88
C SER E 87 6.99 17.00 16.12
N LEU E 88 7.13 18.30 15.85
CA LEU E 88 8.37 19.00 16.11
C LEU E 88 8.63 19.13 17.61
N GLU F 4 14.74 22.26 -10.06
CA GLU F 4 15.60 22.88 -9.04
C GLU F 4 16.28 21.89 -8.10
N ILE F 5 15.79 20.66 -8.06
CA ILE F 5 16.39 19.66 -7.17
C ILE F 5 16.80 18.43 -7.94
N SER F 6 17.98 17.90 -7.62
CA SER F 6 18.49 16.74 -8.33
C SER F 6 19.27 15.87 -7.37
N LYS F 7 19.37 14.59 -7.70
CA LYS F 7 20.10 13.64 -6.87
C LYS F 7 21.23 13.04 -7.68
N SER F 8 22.44 13.05 -7.10
CA SER F 8 23.63 12.50 -7.74
C SER F 8 24.19 11.39 -6.87
N ILE F 9 24.68 10.33 -7.51
CA ILE F 9 25.27 9.20 -6.80
C ILE F 9 26.75 9.17 -7.16
N TYR F 10 27.58 9.10 -6.13
CA TYR F 10 29.02 9.03 -6.32
C TYR F 10 29.50 7.72 -5.76
N THR F 11 30.43 7.07 -6.46
CA THR F 11 31.17 5.97 -5.85
C THR F 11 32.51 6.54 -5.41
N CYS F 12 32.98 6.11 -4.24
CA CYS F 12 34.21 6.63 -3.68
C CYS F 12 35.19 5.50 -3.38
N ASN F 13 36.37 5.83 -2.86
CA ASN F 13 37.31 4.80 -2.47
C ASN F 13 36.74 3.88 -1.41
N ASP F 14 37.34 2.70 -1.31
CA ASP F 14 36.98 1.68 -0.34
C ASP F 14 35.53 1.21 -0.50
N ASN F 15 35.05 1.17 -1.74
CA ASN F 15 33.71 0.65 -2.02
C ASN F 15 32.61 1.41 -1.28
N GLN F 16 32.78 2.72 -1.19
CA GLN F 16 31.82 3.58 -0.51
C GLN F 16 30.96 4.31 -1.53
N VAL F 17 29.72 4.61 -1.14
CA VAL F 17 28.83 5.33 -2.02
C VAL F 17 28.39 6.58 -1.27
N MSE F 18 28.27 7.68 -2.00
CA MSE F 18 27.79 8.92 -1.39
C MSE F 18 26.71 9.51 -2.28
O MSE F 18 26.96 9.82 -3.44
CB MSE F 18 28.93 9.94 -1.24
CG MSE F 18 28.51 11.33 -0.76
SE MSE F 18 29.96 12.63 -0.56
CE MSE F 18 30.34 13.00 -2.45
N GLU F 19 25.50 9.67 -1.75
CA GLU F 19 24.47 10.45 -2.44
C GLU F 19 24.59 11.93 -2.09
N VAL F 20 24.35 12.78 -3.07
CA VAL F 20 24.22 14.21 -2.80
C VAL F 20 22.97 14.74 -3.47
N ILE F 21 22.14 15.46 -2.72
CA ILE F 21 21.03 16.19 -3.31
C ILE F 21 21.53 17.60 -3.55
N TYR F 22 21.49 18.02 -4.80
CA TYR F 22 21.82 19.39 -5.15
C TYR F 22 20.54 20.21 -5.34
N VAL F 23 20.54 21.40 -4.77
CA VAL F 23 19.45 22.36 -4.92
C VAL F 23 20.01 23.57 -5.66
N ASN F 24 19.49 23.83 -6.85
CA ASN F 24 19.92 24.99 -7.62
C ASN F 24 18.67 25.74 -8.03
N THR F 25 18.43 26.87 -7.38
CA THR F 25 17.19 27.60 -7.58
C THR F 25 17.22 28.42 -8.87
N GLU F 26 16.03 28.74 -9.38
CA GLU F 26 15.92 29.50 -10.62
C GLU F 26 16.65 30.82 -10.47
N ALA F 27 16.58 31.38 -9.26
CA ALA F 27 17.23 32.67 -8.98
C ALA F 27 18.75 32.57 -8.93
N GLY F 28 19.27 31.35 -8.80
CA GLY F 28 20.71 31.16 -8.87
C GLY F 28 21.41 30.87 -7.56
N ASN F 29 20.64 30.44 -6.56
CA ASN F 29 21.25 30.00 -5.31
C ASN F 29 21.55 28.51 -5.32
N ALA F 30 22.63 28.11 -4.66
CA ALA F 30 23.06 26.73 -4.69
C ALA F 30 23.27 26.12 -3.31
N TYR F 31 22.73 24.93 -3.12
CA TYR F 31 22.91 24.18 -1.87
C TYR F 31 23.20 22.71 -2.17
N ALA F 32 23.59 21.97 -1.13
CA ALA F 32 23.81 20.53 -1.25
C ALA F 32 23.35 19.88 0.05
N ILE F 33 22.88 18.64 -0.01
CA ILE F 33 22.52 17.92 1.20
C ILE F 33 23.15 16.55 1.09
N ILE F 34 23.91 16.18 2.12
CA ILE F 34 24.47 14.84 2.24
C ILE F 34 23.93 14.15 3.48
N SER F 35 24.12 12.84 3.57
CA SER F 35 23.73 12.08 4.74
C SER F 35 24.95 11.41 5.36
N GLN F 36 25.17 11.68 6.64
CA GLN F 36 26.29 11.10 7.38
C GLN F 36 25.83 10.69 8.76
N VAL F 37 26.19 9.48 9.16
CA VAL F 37 25.79 8.95 10.47
C VAL F 37 24.30 9.15 10.72
N ASN F 38 23.48 8.82 9.73
CA ASN F 38 22.04 8.85 9.86
C ASN F 38 21.46 10.25 10.06
N GLU F 39 22.20 11.27 9.67
CA GLU F 39 21.69 12.63 9.72
C GLU F 39 21.88 13.32 8.38
N MSE F 40 20.88 14.08 7.97
CA MSE F 40 21.02 14.88 6.78
C MSE F 40 21.65 16.22 7.14
O MSE F 40 21.27 16.84 8.14
CB MSE F 40 19.69 15.05 6.08
CG MSE F 40 19.24 13.80 5.34
SE MSE F 40 17.56 14.13 4.41
CE MSE F 40 16.38 14.23 5.96
N ILE F 41 22.63 16.62 6.34
CA ILE F 41 23.42 17.83 6.57
C ILE F 41 23.22 18.81 5.43
N PRO F 42 22.41 19.85 5.66
CA PRO F 42 22.24 20.91 4.65
C PRO F 42 23.50 21.74 4.51
N MSE F 43 23.90 22.04 3.28
CA MSE F 43 25.13 22.79 3.03
C MSE F 43 24.90 23.92 2.04
O MSE F 43 24.03 23.84 1.16
CB MSE F 43 26.21 21.85 2.50
CG MSE F 43 26.48 20.64 3.38
SE MSE F 43 27.66 19.40 2.46
CE MSE F 43 29.28 20.05 3.21
N ARG F 44 25.70 24.99 2.16
CA ARG F 44 25.60 26.14 1.28
C ARG F 44 26.85 26.22 0.39
N LEU F 45 26.70 26.72 -0.83
CA LEU F 45 27.84 26.95 -1.72
C LEU F 45 28.73 28.06 -1.17
N MSE F 46 30.03 27.81 -1.08
CA MSE F 46 30.98 28.85 -0.70
C MSE F 46 31.33 29.66 -1.95
O MSE F 46 32.13 29.25 -2.77
CB MSE F 46 32.21 28.26 -0.01
CG MSE F 46 32.04 28.14 1.53
SE MSE F 46 33.48 27.15 2.42
CE MSE F 46 33.42 25.79 1.20
N LYS F 47 30.68 30.82 -2.08
CA LYS F 47 30.65 31.56 -3.34
C LYS F 47 31.94 32.29 -3.67
N MSE F 48 32.81 32.42 -2.67
CA MSE F 48 34.03 33.20 -2.80
C MSE F 48 35.17 32.34 -3.31
O MSE F 48 36.28 32.83 -3.56
CB MSE F 48 34.40 33.83 -1.46
CG MSE F 48 33.25 34.56 -0.78
SE MSE F 48 32.59 36.00 -1.90
CE MSE F 48 34.20 37.08 -1.95
N ALA F 49 34.90 31.05 -3.48
CA ALA F 49 35.92 30.10 -3.91
C ALA F 49 35.69 29.60 -5.34
N SER F 50 36.75 29.11 -5.97
CA SER F 50 36.65 28.47 -7.28
C SER F 50 36.03 27.08 -7.16
N GLY F 51 35.49 26.55 -8.25
CA GLY F 51 34.82 25.26 -8.23
C GLY F 51 33.51 25.34 -7.47
N ALA F 52 32.90 24.19 -7.20
CA ALA F 52 31.68 24.16 -6.38
C ALA F 52 31.96 23.50 -5.05
N ASN F 53 32.17 24.31 -4.03
CA ASN F 53 32.53 23.81 -2.72
C ASN F 53 31.47 24.22 -1.71
N TYR F 54 31.13 23.31 -0.81
CA TYR F 54 29.99 23.54 0.08
C TYR F 54 30.41 23.36 1.53
N GLU F 55 29.78 24.11 2.42
CA GLU F 55 29.98 23.91 3.84
C GLU F 55 28.66 23.79 4.60
N ALA F 56 28.67 23.03 5.69
CA ALA F 56 27.46 22.83 6.47
C ALA F 56 26.91 24.16 6.96
N ILE F 57 25.59 24.32 6.86
CA ILE F 57 24.96 25.54 7.34
C ILE F 57 25.01 25.63 8.87
N ASP F 58 24.86 24.50 9.53
CA ASP F 58 24.88 24.43 10.99
C ASP F 58 26.33 24.32 11.47
N LYS F 59 26.75 25.27 12.31
CA LYS F 59 28.14 25.33 12.76
C LYS F 59 28.52 24.16 13.66
N ASN F 60 27.52 23.44 14.15
CA ASN F 60 27.76 22.23 14.93
C ASN F 60 28.37 21.12 14.07
N TYR F 61 28.19 21.24 12.75
CA TYR F 61 28.79 20.33 11.78
C TYR F 61 29.99 20.97 11.13
N THR F 62 31.04 20.19 10.89
CA THR F 62 32.22 20.70 10.21
C THR F 62 32.44 20.08 8.83
N TYR F 63 31.45 19.35 8.32
CA TYR F 63 31.57 18.79 6.99
C TYR F 63 31.75 19.86 5.92
N LYS F 64 32.66 19.60 4.99
CA LYS F 64 32.78 20.38 3.77
C LYS F 64 32.87 19.42 2.59
N LEU F 65 32.18 19.78 1.51
CA LEU F 65 32.14 18.98 0.31
C LEU F 65 32.83 19.76 -0.81
N TYR F 66 33.96 19.25 -1.30
CA TYR F 66 34.65 19.92 -2.38
C TYR F 66 34.37 19.17 -3.65
N THR F 67 33.93 19.87 -4.69
CA THR F 67 33.61 19.23 -5.97
C THR F 67 34.27 19.95 -7.14
N LYS F 68 34.69 19.15 -8.13
CA LYS F 68 35.25 19.68 -9.36
C LYS F 68 34.77 18.78 -10.48
N GLY F 69 33.86 19.29 -11.31
CA GLY F 69 33.30 18.49 -12.38
C GLY F 69 32.58 17.27 -11.83
N LYS F 70 33.01 16.09 -12.25
CA LYS F 70 32.34 14.86 -11.84
C LYS F 70 32.94 14.27 -10.57
N THR F 71 33.92 14.95 -10.00
CA THR F 71 34.62 14.41 -8.82
C THR F 71 34.25 15.17 -7.54
N ALA F 72 34.54 14.56 -6.40
CA ALA F 72 34.25 15.22 -5.14
C ALA F 72 35.04 14.59 -4.00
N GLU F 73 35.16 15.32 -2.90
CA GLU F 73 35.80 14.84 -1.70
C GLU F 73 34.98 15.37 -0.54
N LEU F 74 34.73 14.53 0.46
CA LEU F 74 34.02 14.98 1.65
C LEU F 74 34.98 14.93 2.82
N VAL F 75 35.10 16.06 3.51
CA VAL F 75 36.02 16.14 4.66
C VAL F 75 35.29 16.66 5.90
N GLU F 76 35.93 16.54 7.05
CA GLU F 76 35.40 17.11 8.28
C GLU F 76 36.56 17.69 9.08
N GLY F 77 36.22 18.53 10.04
CA GLY F 77 37.23 19.16 10.88
C GLY F 77 38.32 19.80 10.06
N ASP F 78 39.57 19.52 10.41
CA ASP F 78 40.71 20.12 9.72
C ASP F 78 41.07 19.36 8.45
N ASP F 79 40.13 19.35 7.52
CA ASP F 79 40.28 18.64 6.25
C ASP F 79 40.60 17.16 6.45
N LYS F 80 40.00 16.56 7.47
CA LYS F 80 40.13 15.13 7.70
C LYS F 80 39.22 14.40 6.70
N PRO F 81 39.78 13.45 5.96
CA PRO F 81 39.02 12.72 4.92
C PRO F 81 37.89 11.90 5.52
N VAL F 82 36.70 12.03 4.95
CA VAL F 82 35.59 11.18 5.31
C VAL F 82 35.30 10.22 4.15
N LEU F 83 35.14 10.79 2.96
CA LEU F 83 34.98 10.01 1.74
C LEU F 83 35.91 10.62 0.70
N SER F 84 36.72 9.77 0.06
CA SER F 84 37.76 10.28 -0.82
C SER F 84 37.64 9.75 -2.25
N ASN F 85 38.16 10.51 -3.20
CA ASN F 85 38.14 10.10 -4.60
C ASN F 85 36.75 9.74 -5.07
N CYS F 86 35.76 10.54 -4.69
CA CYS F 86 34.40 10.28 -5.14
C CYS F 86 34.23 10.68 -6.59
N SER F 87 33.47 9.89 -7.33
CA SER F 87 33.17 10.23 -8.72
C SER F 87 31.74 9.84 -9.07
N LEU F 88 31.11 10.63 -9.93
CA LEU F 88 29.75 10.32 -10.34
C LEU F 88 29.70 8.92 -10.94
N ALA F 89 28.91 8.03 -10.35
CA ALA F 89 28.94 6.62 -10.72
C ALA F 89 28.37 6.35 -12.12
N ASN F 90 29.09 5.55 -12.90
CA ASN F 90 28.66 5.14 -14.24
C ASN F 90 27.85 3.84 -14.18
NA NA G . 13.14 -6.50 0.03
NA NA H . -10.27 -6.35 -24.11
NA NA I . 14.55 -27.90 -14.62
NA NA J . -21.02 18.23 -8.86
NA NA K . 1.36 26.01 -8.18
NA NA L . 41.46 17.99 1.15
#